data_7RUY
#
_entry.id   7RUY
#
_cell.length_a   30.447
_cell.length_b   72.180
_cell.length_c   55.538
_cell.angle_alpha   90.000
_cell.angle_beta   107.128
_cell.angle_gamma   90.000
#
_symmetry.space_group_name_H-M   'C 1 2 1'
#
loop_
_entity.id
_entity.type
_entity.pdbx_description
1 polymer 'B-cell lymphoma 6 protein'
2 non-polymer N-(3-chloropyridin-4-yl)-2-(2-{[(2,4-dimethoxyphenyl)methyl]amino}-4-oxo-3,4-dihydro-7H-pyrrolo[2,3-d]pyrimidin-7-yl)acetamide
3 non-polymer 'FORMIC ACID'
4 water water
#
_entity_poly.entity_id   1
_entity_poly.type   'polypeptide(L)'
_entity_poly.pdbx_seq_one_letter_code
;GSADSQIQFTRHASDVLLNLNRLRSRDILTDVVIVVSREQFRAHKTVLMACSGLFYSIFTDQLKRNLSVINLDPEINPEG
FNILLDFMYTSRLNLREGNIMAVMATAMYLQMEHVVDTCRKFIKASE
;
_entity_poly.pdbx_strand_id   A
#
loop_
_chem_comp.id
_chem_comp.type
_chem_comp.name
_chem_comp.formula
7S0 non-polymer N-(3-chloropyridin-4-yl)-2-(2-{[(2,4-dimethoxyphenyl)methyl]amino}-4-oxo-3,4-dihydro-7H-pyrrolo[2,3-d]pyrimidin-7-yl)acetamide 'C22 H21 Cl N6 O4'
FMT non-polymer 'FORMIC ACID' 'C H2 O2'
#
# COMPACT_ATOMS: atom_id res chain seq x y z
N SER A 5 29.51 -1.89 -12.11
CA SER A 5 29.95 -2.85 -13.12
C SER A 5 29.14 -4.15 -13.09
N GLN A 6 28.13 -4.24 -12.23
CA GLN A 6 27.35 -5.45 -12.16
C GLN A 6 26.34 -5.56 -13.31
N ILE A 7 25.94 -6.78 -13.64
CA ILE A 7 24.95 -7.06 -14.68
C ILE A 7 23.56 -6.76 -14.15
N GLN A 8 22.83 -5.93 -14.88
CA GLN A 8 21.49 -5.52 -14.49
CA GLN A 8 21.48 -5.53 -14.47
C GLN A 8 20.43 -6.44 -15.09
N PHE A 9 19.54 -6.94 -14.24
CA PHE A 9 18.38 -7.72 -14.66
C PHE A 9 17.17 -6.81 -14.60
N THR A 10 16.76 -6.32 -15.77
CA THR A 10 15.79 -5.23 -15.84
C THR A 10 14.37 -5.61 -15.47
N ARG A 11 14.07 -6.90 -15.40
CA ARG A 11 12.73 -7.35 -14.99
C ARG A 11 12.70 -7.93 -13.58
N HIS A 12 13.84 -7.98 -12.91
CA HIS A 12 13.93 -8.71 -11.65
C HIS A 12 13.02 -8.13 -10.56
N ALA A 13 13.06 -6.81 -10.42
CA ALA A 13 12.29 -6.17 -9.35
C ALA A 13 10.79 -6.38 -9.57
N SER A 14 10.35 -6.26 -10.80
CA SER A 14 8.93 -6.45 -11.07
CA SER A 14 8.94 -6.46 -11.16
C SER A 14 8.54 -7.92 -10.92
N ASP A 15 9.43 -8.84 -11.27
CA ASP A 15 9.20 -10.26 -11.01
C ASP A 15 9.08 -10.54 -9.52
N VAL A 16 9.97 -9.93 -8.72
CA VAL A 16 9.91 -10.12 -7.28
C VAL A 16 8.54 -9.64 -6.75
N LEU A 17 8.12 -8.44 -7.15
CA LEU A 17 6.88 -7.87 -6.67
C LEU A 17 5.68 -8.75 -7.05
N LEU A 18 5.67 -9.21 -8.30
CA LEU A 18 4.62 -10.09 -8.76
C LEU A 18 4.57 -11.35 -7.88
N ASN A 19 5.74 -11.92 -7.60
CA ASN A 19 5.78 -13.09 -6.74
C ASN A 19 5.32 -12.81 -5.30
N LEU A 20 5.66 -11.65 -4.78
CA LEU A 20 5.18 -11.27 -3.46
C LEU A 20 3.66 -11.15 -3.44
N ASN A 21 3.11 -10.64 -4.54
CA ASN A 21 1.66 -10.53 -4.63
C ASN A 21 1.00 -11.91 -4.70
N ARG A 22 1.67 -12.83 -5.41
CA ARG A 22 1.19 -14.20 -5.43
C ARG A 22 1.18 -14.81 -4.02
N LEU A 23 2.24 -14.55 -3.25
CA LEU A 23 2.29 -15.05 -1.87
C LEU A 23 1.14 -14.43 -1.06
N ARG A 24 0.90 -13.13 -1.22
CA ARG A 24 -0.21 -12.50 -0.51
C ARG A 24 -1.53 -13.18 -0.88
N SER A 25 -1.72 -13.47 -2.16
CA SER A 25 -2.97 -14.10 -2.64
C SER A 25 -3.20 -15.47 -2.04
N ARG A 26 -2.13 -16.12 -1.62
CA ARG A 26 -2.21 -17.43 -1.00
C ARG A 26 -2.03 -17.35 0.52
N ASP A 27 -1.92 -16.14 1.03
CA ASP A 27 -1.75 -15.94 2.48
C ASP A 27 -0.50 -16.64 3.01
N ILE A 28 0.56 -16.65 2.20
CA ILE A 28 1.81 -17.24 2.63
C ILE A 28 2.72 -16.18 3.24
N LEU A 29 3.02 -16.36 4.53
CA LEU A 29 3.93 -15.52 5.31
C LEU A 29 3.40 -14.09 5.54
N THR A 30 2.12 -13.86 5.28
CA THR A 30 1.50 -12.62 5.70
C THR A 30 1.57 -12.58 7.22
N ASP A 31 1.80 -11.40 7.76
CA ASP A 31 2.05 -11.24 9.19
C ASP A 31 1.29 -10.08 9.82
N VAL A 32 0.33 -9.51 9.09
CA VAL A 32 -0.51 -8.48 9.68
C VAL A 32 -1.85 -8.46 8.98
N VAL A 33 -2.84 -8.07 9.76
CA VAL A 33 -4.15 -7.76 9.21
CA VAL A 33 -4.19 -7.79 9.28
C VAL A 33 -4.42 -6.29 9.46
N ILE A 34 -4.82 -5.61 8.40
CA ILE A 34 -5.18 -4.21 8.43
C ILE A 34 -6.70 -4.14 8.44
N VAL A 35 -7.26 -3.60 9.52
CA VAL A 35 -8.70 -3.47 9.66
C VAL A 35 -9.11 -2.06 9.25
N VAL A 36 -10.05 -1.98 8.32
CA VAL A 36 -10.49 -0.69 7.79
C VAL A 36 -12.00 -0.73 7.82
N SER A 37 -12.57 -0.13 8.89
CA SER A 37 -14.04 -0.18 9.13
C SER A 37 -14.49 -1.66 9.18
N ARG A 38 -15.38 -2.06 8.29
CA ARG A 38 -15.95 -3.41 8.43
C ARG A 38 -15.11 -4.43 7.66
N GLU A 39 -14.05 -4.00 6.96
CA GLU A 39 -13.26 -4.92 6.14
C GLU A 39 -11.90 -5.14 6.74
N GLN A 40 -11.25 -6.22 6.32
CA GLN A 40 -9.93 -6.59 6.78
C GLN A 40 -9.12 -7.02 5.59
N PHE A 41 -7.83 -6.70 5.63
CA PHE A 41 -6.88 -7.06 4.57
C PHE A 41 -5.59 -7.59 5.14
N ARG A 42 -5.17 -8.76 4.67
CA ARG A 42 -3.90 -9.30 5.14
C ARG A 42 -2.76 -8.86 4.24
N ALA A 43 -1.57 -8.71 4.80
CA ALA A 43 -0.42 -8.26 4.00
C ALA A 43 0.87 -8.64 4.67
N HIS A 44 1.97 -8.36 3.96
CA HIS A 44 3.31 -8.47 4.51
C HIS A 44 3.76 -7.12 5.04
N LYS A 45 4.14 -7.06 6.31
CA LYS A 45 4.63 -5.81 6.89
C LYS A 45 5.78 -5.20 6.09
N THR A 46 6.68 -6.04 5.60
CA THR A 46 7.80 -5.53 4.82
C THR A 46 7.34 -4.74 3.61
N VAL A 47 6.34 -5.25 2.88
CA VAL A 47 5.86 -4.54 1.70
C VAL A 47 5.15 -3.25 2.11
N LEU A 48 4.36 -3.31 3.17
CA LEU A 48 3.69 -2.11 3.66
C LEU A 48 4.72 -1.03 4.02
N MET A 49 5.80 -1.43 4.72
CA MET A 49 6.84 -0.50 5.12
C MET A 49 7.56 0.09 3.90
N ALA A 50 7.75 -0.74 2.89
CA ALA A 50 8.42 -0.31 1.69
C ALA A 50 7.60 0.70 0.89
N CYS A 51 6.29 0.75 1.13
CA CYS A 51 5.39 1.51 0.25
C CYS A 51 4.68 2.70 0.90
N SER A 52 4.77 2.81 2.22
CA SER A 52 3.93 3.75 2.96
C SER A 52 4.69 4.35 4.12
N GLY A 53 4.65 5.66 4.24
CA GLY A 53 5.28 6.34 5.36
C GLY A 53 4.61 6.02 6.68
N LEU A 54 3.30 5.85 6.65
CA LEU A 54 2.58 5.49 7.87
C LEU A 54 3.05 4.12 8.35
N PHE A 55 3.01 3.12 7.46
CA PHE A 55 3.40 1.78 7.88
C PHE A 55 4.90 1.69 8.26
N TYR A 56 5.73 2.42 7.52
CA TYR A 56 7.14 2.50 7.88
C TYR A 56 7.32 3.04 9.28
N SER A 57 6.66 4.16 9.59
CA SER A 57 6.79 4.78 10.90
CA SER A 57 6.79 4.79 10.89
C SER A 57 6.27 3.91 12.02
N ILE A 58 5.19 3.18 11.76
CA ILE A 58 4.66 2.25 12.75
C ILE A 58 5.67 1.12 13.04
N PHE A 59 5.98 0.33 12.02
CA PHE A 59 6.72 -0.91 12.25
C PHE A 59 8.22 -0.72 12.49
N THR A 60 8.80 0.43 12.16
CA THR A 60 10.19 0.68 12.52
C THR A 60 10.35 0.84 14.02
N ASP A 61 9.29 1.27 14.69
CA ASP A 61 9.32 1.45 16.13
C ASP A 61 9.26 0.08 16.81
N GLN A 62 10.29 -0.25 17.59
CA GLN A 62 10.34 -1.55 18.23
C GLN A 62 9.13 -1.83 19.12
N LEU A 63 8.50 -0.76 19.59
CA LEU A 63 7.28 -0.87 20.38
C LEU A 63 6.12 -1.48 19.61
N LYS A 64 6.07 -1.26 18.30
CA LYS A 64 4.95 -1.70 17.47
C LYS A 64 5.33 -2.75 16.42
N ARG A 65 6.61 -3.10 16.36
CA ARG A 65 7.18 -3.99 15.33
C ARG A 65 6.37 -5.28 15.21
N ASN A 66 5.93 -5.83 16.35
CA ASN A 66 5.32 -7.15 16.37
C ASN A 66 3.78 -7.18 16.34
N LEU A 67 3.15 -6.01 16.17
CA LEU A 67 1.70 -5.95 16.03
C LEU A 67 1.24 -6.86 14.90
N SER A 68 0.19 -7.64 15.15
CA SER A 68 -0.39 -8.49 14.10
C SER A 68 -1.69 -7.90 13.57
N VAL A 69 -2.19 -6.85 14.21
CA VAL A 69 -3.42 -6.19 13.79
C VAL A 69 -3.21 -4.68 13.87
N ILE A 70 -3.59 -3.98 12.80
CA ILE A 70 -3.57 -2.53 12.80
C ILE A 70 -4.98 -2.08 12.44
N ASN A 71 -5.57 -1.28 13.31
CA ASN A 71 -6.86 -0.67 13.04
C ASN A 71 -6.63 0.70 12.46
N LEU A 72 -7.00 0.88 11.20
CA LEU A 72 -6.88 2.19 10.59
C LEU A 72 -7.95 3.15 11.11
N ASP A 73 -7.68 4.43 10.89
N ASP A 73 -7.68 4.43 10.89
CA ASP A 73 -8.61 5.50 11.24
CA ASP A 73 -8.60 5.49 11.28
C ASP A 73 -10.00 5.13 10.72
C ASP A 73 -9.99 5.15 10.73
N PRO A 74 -11.03 5.26 11.58
CA PRO A 74 -12.39 4.87 11.18
C PRO A 74 -12.94 5.60 9.97
N GLU A 75 -12.37 6.76 9.65
CA GLU A 75 -12.88 7.55 8.54
C GLU A 75 -12.31 7.13 7.20
N ILE A 76 -11.28 6.29 7.23
CA ILE A 76 -10.68 5.80 6.00
C ILE A 76 -11.64 4.87 5.26
N ASN A 77 -11.77 5.12 3.96
CA ASN A 77 -12.60 4.31 3.09
C ASN A 77 -11.91 2.99 2.75
N PRO A 78 -12.57 1.86 3.00
CA PRO A 78 -11.96 0.57 2.66
C PRO A 78 -11.63 0.44 1.18
N GLU A 79 -12.45 1.02 0.30
CA GLU A 79 -12.21 1.07 -1.16
C GLU A 79 -10.89 1.73 -1.48
N GLY A 80 -10.68 2.92 -0.91
CA GLY A 80 -9.46 3.65 -1.14
C GLY A 80 -8.28 2.82 -0.66
N PHE A 81 -8.41 2.20 0.50
CA PHE A 81 -7.33 1.40 1.03
C PHE A 81 -7.04 0.20 0.11
N ASN A 82 -8.09 -0.50 -0.30
CA ASN A 82 -7.94 -1.66 -1.18
C ASN A 82 -7.19 -1.29 -2.46
N ILE A 83 -7.59 -0.19 -3.09
CA ILE A 83 -6.94 0.29 -4.30
C ILE A 83 -5.46 0.54 -4.07
N LEU A 84 -5.13 1.13 -2.93
CA LEU A 84 -3.74 1.44 -2.65
C LEU A 84 -2.92 0.22 -2.29
N LEU A 85 -3.51 -0.72 -1.55
CA LEU A 85 -2.86 -1.99 -1.24
C LEU A 85 -2.53 -2.73 -2.55
N ASP A 86 -3.50 -2.81 -3.45
N ASP A 86 -3.47 -2.77 -3.49
CA ASP A 86 -3.25 -3.39 -4.76
CA ASP A 86 -3.21 -3.44 -4.75
C ASP A 86 -2.03 -2.71 -5.38
C ASP A 86 -2.11 -2.72 -5.55
N PHE A 87 -2.07 -1.38 -5.46
CA PHE A 87 -0.98 -0.63 -6.07
C PHE A 87 0.36 -1.03 -5.46
N MET A 88 0.41 -1.12 -4.13
CA MET A 88 1.67 -1.48 -3.48
C MET A 88 2.27 -2.74 -4.06
N TYR A 89 1.43 -3.70 -4.36
CA TYR A 89 1.86 -5.03 -4.78
C TYR A 89 1.88 -5.23 -6.29
N THR A 90 1.50 -4.21 -7.05
CA THR A 90 1.44 -4.33 -8.51
C THR A 90 2.07 -3.20 -9.33
N SER A 91 2.31 -2.03 -8.72
CA SER A 91 2.80 -0.85 -9.43
C SER A 91 1.75 -0.20 -10.33
N ARG A 92 0.52 -0.67 -10.26
CA ARG A 92 -0.58 -0.18 -11.13
C ARG A 92 -1.62 0.45 -10.22
N LEU A 93 -2.00 1.67 -10.47
CA LEU A 93 -2.95 2.41 -9.64
C LEU A 93 -4.25 2.60 -10.37
N ASN A 94 -5.32 2.06 -9.79
CA ASN A 94 -6.64 2.15 -10.40
C ASN A 94 -7.32 3.47 -10.00
N LEU A 95 -6.90 4.56 -10.64
CA LEU A 95 -7.54 5.86 -10.47
C LEU A 95 -8.64 6.06 -11.48
N ARG A 96 -9.76 6.56 -10.99
CA ARG A 96 -10.93 6.83 -11.87
C ARG A 96 -11.54 8.12 -11.34
N GLU A 97 -12.35 8.80 -12.14
CA GLU A 97 -12.99 9.99 -11.64
C GLU A 97 -13.95 9.68 -10.47
N GLY A 98 -14.55 8.49 -10.40
CA GLY A 98 -15.43 8.13 -9.32
C GLY A 98 -14.71 7.75 -8.02
N ASN A 99 -13.39 7.56 -8.05
CA ASN A 99 -12.70 7.22 -6.80
C ASN A 99 -11.51 8.11 -6.45
N ILE A 100 -11.21 9.11 -7.25
CA ILE A 100 -10.03 9.89 -7.04
C ILE A 100 -9.89 10.55 -5.68
N MET A 101 -10.97 11.11 -5.15
CA MET A 101 -10.90 11.78 -3.86
C MET A 101 -10.64 10.80 -2.73
N ALA A 102 -11.33 9.66 -2.76
CA ALA A 102 -11.08 8.62 -1.75
C ALA A 102 -9.64 8.12 -1.81
N VAL A 103 -9.16 7.85 -3.01
CA VAL A 103 -7.78 7.37 -3.15
C VAL A 103 -6.80 8.43 -2.68
N MET A 104 -6.98 9.67 -3.10
CA MET A 104 -6.09 10.75 -2.71
CA MET A 104 -6.07 10.73 -2.71
C MET A 104 -6.05 10.93 -1.19
N ALA A 105 -7.21 10.99 -0.56
CA ALA A 105 -7.23 11.22 0.87
C ALA A 105 -6.59 10.05 1.60
N THR A 106 -6.83 8.85 1.08
CA THR A 106 -6.26 7.66 1.72
C THR A 106 -4.73 7.68 1.57
N ALA A 107 -4.26 8.09 0.39
CA ALA A 107 -2.83 8.14 0.18
C ALA A 107 -2.17 9.19 1.05
N MET A 108 -2.87 10.30 1.33
CA MET A 108 -2.34 11.28 2.28
C MET A 108 -2.17 10.66 3.67
N TYR A 109 -3.21 9.98 4.12
CA TYR A 109 -3.20 9.28 5.44
C TYR A 109 -2.06 8.23 5.48
N LEU A 110 -1.89 7.47 4.40
CA LEU A 110 -0.85 6.44 4.37
C LEU A 110 0.55 7.02 4.14
N GLN A 111 0.64 8.32 3.88
CA GLN A 111 1.92 8.98 3.61
C GLN A 111 2.60 8.35 2.40
N MET A 112 1.90 8.36 1.28
CA MET A 112 2.45 7.86 -0.02
C MET A 112 2.56 9.13 -0.89
N GLU A 113 3.56 9.95 -0.65
N GLU A 113 3.57 9.96 -0.65
CA GLU A 113 3.65 11.29 -1.30
CA GLU A 113 3.66 11.30 -1.30
C GLU A 113 3.57 11.21 -2.83
C GLU A 113 3.58 11.23 -2.84
N HIS A 114 4.32 10.33 -3.48
CA HIS A 114 4.35 10.25 -4.94
C HIS A 114 2.95 9.93 -5.46
N VAL A 115 2.23 9.03 -4.79
CA VAL A 115 0.86 8.74 -5.20
C VAL A 115 -0.03 9.98 -5.02
N VAL A 116 0.10 10.68 -3.91
CA VAL A 116 -0.67 11.91 -3.74
C VAL A 116 -0.38 12.91 -4.89
N ASP A 117 0.89 13.04 -5.25
CA ASP A 117 1.27 13.97 -6.31
C ASP A 117 0.63 13.55 -7.64
N THR A 118 0.62 12.24 -7.89
CA THR A 118 -0.02 11.69 -9.07
C THR A 118 -1.54 11.94 -9.07
N CYS A 119 -2.19 11.79 -7.92
CA CYS A 119 -3.60 12.14 -7.79
C CYS A 119 -3.87 13.62 -8.13
N ARG A 120 -2.97 14.49 -7.69
CA ARG A 120 -3.08 15.92 -8.02
C ARG A 120 -2.96 16.14 -9.52
N LYS A 121 -2.03 15.43 -10.16
CA LYS A 121 -1.88 15.54 -11.60
C LYS A 121 -3.13 15.05 -12.30
N PHE A 122 -3.76 14.02 -11.74
CA PHE A 122 -4.98 13.43 -12.30
C PHE A 122 -6.08 14.46 -12.28
N ILE A 123 -6.22 15.13 -11.15
CA ILE A 123 -7.19 16.23 -11.02
C ILE A 123 -6.89 17.32 -12.04
N LYS A 124 -5.62 17.70 -12.17
CA LYS A 124 -5.27 18.78 -13.10
C LYS A 124 -5.61 18.40 -14.54
N ALA A 125 -5.48 17.12 -14.87
CA ALA A 125 -5.68 16.65 -16.24
C ALA A 125 -7.13 16.30 -16.53
N SER A 126 -7.97 16.30 -15.51
CA SER A 126 -9.39 16.03 -15.68
C SER A 126 -10.18 17.33 -15.70
C11 7S0 B . 11.74 9.91 4.85
C10 7S0 B . 9.98 11.96 5.27
C12 7S0 B . 12.63 8.87 4.69
C14 7S0 B . 14.71 8.42 3.57
C15 7S0 B . 12.21 7.57 4.87
C21 7S0 B . 7.11 4.80 0.81
C02 7S0 B . 6.51 8.34 1.30
C04 7S0 B . 7.49 8.28 3.55
C06 7S0 B . 8.54 8.14 5.77
C07 7S0 B . 10.01 8.34 5.41
C08 7S0 B . 10.45 9.62 5.21
C16 7S0 B . 10.88 7.30 5.23
C18 7S0 B . 7.42 6.34 2.23
C19 7S0 B . 6.80 6.94 1.16
C20 7S0 B . 6.63 5.95 0.19
C23 7S0 B . 8.21 4.13 2.73
C24 7S0 B . 9.71 4.04 2.78
C26 7S0 B . 11.64 2.73 3.75
C27 7S0 B . 12.56 3.78 3.78
C28 7S0 B . 13.89 3.53 4.12
C30 7S0 B . 13.45 1.30 4.41
C31 7S0 B . 12.11 1.49 4.10
N03 7S0 B . 6.86 8.97 2.50
N05 7S0 B . 7.85 8.89 4.81
N17 7S0 B . 7.79 6.93 3.43
N22 7S0 B . 7.61 5.08 1.93
N25 7S0 B . 10.27 2.93 3.50
N29 7S0 B . 14.30 2.32 4.42
O01 7S0 B . 5.95 8.98 0.41
O09 7S0 B . 9.55 10.63 5.39
O13 7S0 B . 13.89 9.19 4.35
O33 7S0 B . 10.39 4.86 2.27
CL32 7S0 B . 11.03 0.17 4.12
H111 7S0 B . 12.06 10.80 4.72
H101 7S0 B . 9.27 12.54 5.58
H103 7S0 B . 10.17 12.15 4.34
H102 7S0 B . 10.78 12.09 5.79
H142 7S0 B . 15.64 8.59 3.79
H141 7S0 B . 14.56 8.63 2.62
H143 7S0 B . 14.51 7.47 3.72
H151 7S0 B . 12.82 6.85 4.75
H211 7S0 B . 7.18 3.90 0.47
H061 7S0 B . 8.31 7.21 5.71
H062 7S0 B . 8.36 8.48 6.64
H161 7S0 B . 10.60 6.39 5.36
H201 7S0 B . 6.20 6.03 -0.67
H231 7S0 B . 7.88 3.26 2.45
H232 7S0 B . 7.90 4.28 3.63
H271 7S0 B . 12.26 4.68 3.56
H281 7S0 B . 14.53 4.26 4.11
H301 7S0 B . 13.77 0.40 4.64
H031 7S0 B . 6.68 9.85 2.58
H051 7S0 B . 7.73 9.77 4.91
H251 7S0 B . 9.68 2.36 3.90
C FMT C . 15.87 -13.37 -12.19
O1 FMT C . 15.35 -12.27 -11.97
O2 FMT C . 16.30 -14.13 -11.32
H FMT C . 15.96 -13.72 -13.22
C FMT D . 13.95 7.08 7.74
O1 FMT D . 14.13 6.39 8.74
O2 FMT D . 14.60 6.89 6.71
H FMT D . 13.22 7.88 7.74
C FMT E . 20.58 -9.44 -18.41
O1 FMT E . 21.44 -10.17 -18.90
O2 FMT E . 19.49 -9.84 -18.02
C FMT F . 12.11 -14.27 -10.24
O1 FMT F . 12.68 -13.50 -9.43
O2 FMT F . 11.98 -14.07 -11.47
H FMT F . 11.69 -15.21 -9.87
HO2 FMT F . 12.34 -13.24 -11.86
#